data_6DE8
#
_entry.id   6DE8
#
_cell.length_a   164.887
_cell.length_b   59.253
_cell.length_c   73.240
_cell.angle_alpha   90.00
_cell.angle_beta   100.44
_cell.angle_gamma   90.00
#
_symmetry.space_group_name_H-M   'C 1 2 1'
#
loop_
_entity.id
_entity.type
_entity.pdbx_description
1 polymer 'Bifunctional protein FolD'
2 non-polymer 'IODIDE ION'
3 non-polymer GLYCEROL
4 non-polymer 'CHLORIDE ION'
5 non-polymer 'POTASSIUM ION'
6 water water
#
_entity_poly.entity_id   1
_entity_poly.type   'polypeptide(L)'
_entity_poly.pdbx_seq_one_letter_code
;SNA(MSE)TLLDGKALSAKIKEELKEKNQFLKSKGIESCLAVILVGDNPASQTYVKSKAKACEECGIKSLVYHLNENITQ
NELLALINTLNHDDSVHGILVQLPLPDHICKDLILESIISSKDVDGFHPINVGYLNLGLESGFLPCTPLGV(MSE)KLLK
AYEIDLEGKDAVIIGASNIVGRP(MSE)AT(MSE)LLNAGATVSVCHIKTKDLSLYTRQADLIIVAAGCVNLLRSD
(MSE)VKEGVIVVDVGINRLESGKIVGDVDFEEVSKKSSYITPVPGGVGP(MSE)TIA(MSE)LLENTVKSAKNRLN
;
_entity_poly.pdbx_strand_id   A,B
#
loop_
_chem_comp.id
_chem_comp.type
_chem_comp.name
_chem_comp.formula
CL non-polymer 'CHLORIDE ION' 'Cl -1'
GOL non-polymer GLYCEROL 'C3 H8 O3'
IOD non-polymer 'IODIDE ION' 'I -1'
K non-polymer 'POTASSIUM ION' 'K 1'
#
# COMPACT_ATOMS: atom_id res chain seq x y z
N ALA A 3 11.02 -33.82 2.94
CA ALA A 3 10.76 -33.67 4.37
C ALA A 3 9.79 -32.52 4.63
N MSE A 4 8.55 -32.67 4.17
CA MSE A 4 7.55 -31.61 4.30
C MSE A 4 7.09 -31.44 5.74
O MSE A 4 6.87 -32.41 6.45
CB MSE A 4 6.34 -31.91 3.39
CG MSE A 4 5.17 -30.96 3.52
SE MSE A 4 3.86 -31.47 4.86
CE MSE A 4 3.12 -33.08 4.03
N THR A 5 6.97 -30.18 6.16
CA THR A 5 6.49 -29.82 7.48
C THR A 5 5.19 -29.03 7.33
N LEU A 6 4.15 -29.50 8.01
CA LEU A 6 2.87 -28.81 7.99
C LEU A 6 2.92 -27.55 8.84
N LEU A 7 2.44 -26.44 8.29
CA LEU A 7 2.30 -25.19 9.04
C LEU A 7 0.98 -25.26 9.81
N ASP A 8 1.04 -25.82 11.00
CA ASP A 8 -0.15 -26.12 11.80
C ASP A 8 -0.72 -24.83 12.39
N GLY A 9 -1.54 -24.15 11.59
CA GLY A 9 -2.21 -22.96 12.09
C GLY A 9 -3.21 -23.24 13.19
N LYS A 10 -3.81 -24.43 13.18
CA LYS A 10 -4.76 -24.78 14.24
C LYS A 10 -4.05 -24.94 15.58
N ALA A 11 -2.85 -25.52 15.58
CA ALA A 11 -2.10 -25.69 16.82
C ALA A 11 -1.60 -24.35 17.35
N LEU A 12 -1.07 -23.50 16.46
CA LEU A 12 -0.59 -22.18 16.89
C LEU A 12 -1.74 -21.31 17.36
N SER A 13 -2.90 -21.42 16.72
CA SER A 13 -4.06 -20.63 17.13
C SER A 13 -4.50 -20.98 18.54
N ALA A 14 -4.50 -22.27 18.88
CA ALA A 14 -4.86 -22.67 20.24
C ALA A 14 -3.89 -22.15 21.27
N LYS A 15 -2.60 -22.05 20.92
CA LYS A 15 -1.62 -21.51 21.86
C LYS A 15 -1.82 -20.02 22.05
N ILE A 16 -2.20 -19.31 20.98
CA ILE A 16 -2.45 -17.87 21.07
C ILE A 16 -3.66 -17.60 21.95
N LYS A 17 -4.74 -18.38 21.77
CA LYS A 17 -5.92 -18.19 22.61
C LYS A 17 -5.61 -18.42 24.08
N GLU A 18 -4.66 -19.31 24.38
CA GLU A 18 -4.26 -19.53 25.77
C GLU A 18 -3.51 -18.31 26.31
N GLU A 19 -2.70 -17.67 25.47
CA GLU A 19 -2.02 -16.45 25.87
C GLU A 19 -3.02 -15.32 26.10
N LEU A 20 -4.00 -15.17 25.20
CA LEU A 20 -5.02 -14.13 25.37
C LEU A 20 -5.86 -14.37 26.61
N LYS A 21 -6.09 -15.64 26.96
CA LYS A 21 -6.85 -15.95 28.17
C LYS A 21 -6.14 -15.40 29.41
N GLU A 22 -4.81 -15.52 29.45
CA GLU A 22 -4.06 -14.98 30.58
C GLU A 22 -4.01 -13.46 30.54
N LYS A 23 -3.90 -12.88 29.35
CA LYS A 23 -3.91 -11.42 29.24
C LYS A 23 -5.23 -10.84 29.70
N ASN A 24 -6.35 -11.47 29.32
CA ASN A 24 -7.65 -10.95 29.71
C ASN A 24 -7.86 -11.08 31.22
N GLN A 25 -7.34 -12.13 31.84
CA GLN A 25 -7.42 -12.24 33.29
C GLN A 25 -6.67 -11.11 33.98
N PHE A 26 -5.55 -10.67 33.38
CA PHE A 26 -4.85 -9.52 33.94
C PHE A 26 -5.61 -8.24 33.66
N LEU A 27 -6.10 -8.06 32.43
CA LEU A 27 -6.84 -6.85 32.09
C LEU A 27 -8.10 -6.72 32.94
N LYS A 28 -8.82 -7.84 33.14
CA LYS A 28 -10.01 -7.82 33.99
C LYS A 28 -9.67 -7.41 35.41
N SER A 29 -8.50 -7.82 35.90
CA SER A 29 -8.08 -7.42 37.25
C SER A 29 -7.81 -5.92 37.33
N LYS A 30 -7.60 -5.26 36.20
CA LYS A 30 -7.41 -3.82 36.15
C LYS A 30 -8.67 -3.09 35.69
N GLY A 31 -9.82 -3.76 35.73
CA GLY A 31 -11.08 -3.15 35.33
C GLY A 31 -11.31 -3.06 33.84
N ILE A 32 -10.54 -3.77 33.02
CA ILE A 32 -10.67 -3.74 31.58
C ILE A 32 -11.24 -5.08 31.12
N GLU A 33 -12.46 -5.06 30.59
CA GLU A 33 -13.09 -6.25 30.02
C GLU A 33 -13.05 -6.09 28.50
N SER A 34 -12.13 -6.80 27.86
CA SER A 34 -11.98 -6.74 26.41
C SER A 34 -13.31 -7.09 25.74
N CYS A 35 -13.73 -6.25 24.81
CA CYS A 35 -15.04 -6.39 24.18
C CYS A 35 -14.93 -6.16 22.68
N LEU A 36 -15.51 -7.08 21.91
CA LEU A 36 -15.58 -6.98 20.46
C LEU A 36 -17.02 -6.88 20.03
N ALA A 37 -17.35 -5.86 19.24
CA ALA A 37 -18.68 -5.70 18.66
C ALA A 37 -18.65 -6.21 17.23
N VAL A 38 -19.59 -7.09 16.90
CA VAL A 38 -19.69 -7.69 15.57
C VAL A 38 -21.03 -7.29 14.99
N ILE A 39 -21.01 -6.66 13.82
CA ILE A 39 -22.21 -6.22 13.12
C ILE A 39 -22.50 -7.20 11.99
N LEU A 40 -23.65 -7.85 12.06
CA LEU A 40 -24.10 -8.79 11.03
C LEU A 40 -25.33 -8.23 10.35
N VAL A 41 -25.22 -7.97 9.05
CA VAL A 41 -26.31 -7.40 8.27
C VAL A 41 -26.86 -8.49 7.37
N GLY A 42 -28.16 -8.75 7.50
CA GLY A 42 -28.81 -9.73 6.64
C GLY A 42 -28.83 -11.11 7.26
N ASP A 43 -29.16 -12.08 6.40
CA ASP A 43 -29.35 -13.47 6.80
C ASP A 43 -28.58 -14.41 5.89
N ASN A 44 -27.38 -14.01 5.50
CA ASN A 44 -26.49 -14.91 4.77
C ASN A 44 -26.14 -16.07 5.69
N PRO A 45 -26.44 -17.32 5.31
CA PRO A 45 -26.18 -18.45 6.23
C PRO A 45 -24.72 -18.65 6.53
N ALA A 46 -23.82 -18.38 5.58
CA ALA A 46 -22.40 -18.50 5.86
C ALA A 46 -21.93 -17.44 6.83
N SER A 47 -22.39 -16.19 6.64
CA SER A 47 -22.02 -15.11 7.55
C SER A 47 -22.47 -15.39 8.97
N GLN A 48 -23.70 -15.92 9.13
CA GLN A 48 -24.18 -16.31 10.45
C GLN A 48 -23.25 -17.33 11.10
N THR A 49 -22.77 -18.30 10.32
CA THR A 49 -21.87 -19.31 10.87
C THR A 49 -20.53 -18.71 11.27
N TYR A 50 -20.00 -17.79 10.45
CA TYR A 50 -18.74 -17.14 10.78
C TYR A 50 -18.87 -16.31 12.05
N VAL A 51 -19.99 -15.58 12.20
CA VAL A 51 -20.18 -14.73 13.37
C VAL A 51 -20.28 -15.58 14.63
N LYS A 52 -21.03 -16.68 14.58
CA LYS A 52 -21.11 -17.59 15.72
C LYS A 52 -19.73 -18.15 16.07
N SER A 53 -18.94 -18.48 15.06
CA SER A 53 -17.58 -18.96 15.30
C SER A 53 -16.74 -17.89 15.98
N LYS A 54 -16.92 -16.62 15.57
CA LYS A 54 -16.18 -15.54 16.21
C LYS A 54 -16.61 -15.36 17.67
N ALA A 55 -17.92 -15.27 17.91
CA ALA A 55 -18.41 -15.14 19.27
C ALA A 55 -17.98 -16.29 20.15
N LYS A 56 -17.92 -17.51 19.60
CA LYS A 56 -17.44 -18.64 20.37
C LYS A 56 -15.96 -18.50 20.69
N ALA A 57 -15.16 -18.06 19.72
CA ALA A 57 -13.74 -17.86 19.96
C ALA A 57 -13.49 -16.76 20.99
N CYS A 58 -14.34 -15.72 21.00
CA CYS A 58 -14.23 -14.68 22.03
C CYS A 58 -14.46 -15.27 23.41
N GLU A 59 -15.49 -16.11 23.55
CA GLU A 59 -15.80 -16.71 24.84
C GLU A 59 -14.67 -17.61 25.33
N GLU A 60 -13.96 -18.26 24.41
CA GLU A 60 -12.92 -19.20 24.80
C GLU A 60 -11.72 -18.49 25.43
N CYS A 61 -11.44 -17.25 25.03
CA CYS A 61 -10.26 -16.53 25.53
C CYS A 61 -10.64 -15.33 26.38
N GLY A 62 -11.89 -15.25 26.85
CA GLY A 62 -12.26 -14.21 27.79
C GLY A 62 -12.56 -12.86 27.20
N ILE A 63 -13.01 -12.82 25.94
CA ILE A 63 -13.41 -11.58 25.30
C ILE A 63 -14.92 -11.50 25.28
N LYS A 64 -15.47 -10.38 25.75
CA LYS A 64 -16.89 -10.14 25.68
C LYS A 64 -17.30 -9.80 24.25
N SER A 65 -18.25 -10.54 23.70
CA SER A 65 -18.70 -10.37 22.32
C SER A 65 -20.08 -9.72 22.30
N LEU A 66 -20.23 -8.71 21.45
CA LEU A 66 -21.53 -8.07 21.20
C LEU A 66 -21.90 -8.27 19.74
N VAL A 67 -22.99 -8.99 19.49
CA VAL A 67 -23.45 -9.28 18.14
C VAL A 67 -24.66 -8.42 17.84
N TYR A 68 -24.56 -7.61 16.79
CA TYR A 68 -25.65 -6.74 16.35
C TYR A 68 -26.17 -7.30 15.03
N HIS A 69 -27.40 -7.83 15.06
CA HIS A 69 -28.03 -8.44 13.90
C HIS A 69 -29.00 -7.43 13.31
N LEU A 70 -28.67 -6.91 12.13
CA LEU A 70 -29.45 -5.87 11.48
C LEU A 70 -30.23 -6.46 10.30
N ASN A 71 -31.34 -5.80 9.96
CA ASN A 71 -32.17 -6.27 8.86
C ASN A 71 -31.41 -6.15 7.53
N GLU A 72 -31.72 -7.08 6.62
CA GLU A 72 -31.07 -7.08 5.32
C GLU A 72 -31.35 -5.79 4.55
N ASN A 73 -32.51 -5.16 4.79
CA ASN A 73 -32.90 -3.95 4.09
C ASN A 73 -32.58 -2.68 4.88
N ILE A 74 -31.62 -2.73 5.79
CA ILE A 74 -31.23 -1.56 6.56
C ILE A 74 -30.60 -0.54 5.61
N THR A 75 -30.88 0.74 5.84
CA THR A 75 -30.29 1.77 5.00
C THR A 75 -28.84 2.00 5.39
N GLN A 76 -28.10 2.66 4.49
CA GLN A 76 -26.68 2.89 4.73
C GLN A 76 -26.47 3.82 5.92
N ASN A 77 -27.27 4.89 6.01
CA ASN A 77 -27.14 5.81 7.14
C ASN A 77 -27.53 5.16 8.46
N GLU A 78 -28.47 4.23 8.44
CA GLU A 78 -28.83 3.52 9.66
C GLU A 78 -27.67 2.67 10.16
N LEU A 79 -26.96 2.00 9.25
CA LEU A 79 -25.78 1.24 9.64
C LEU A 79 -24.68 2.17 10.13
N LEU A 80 -24.53 3.35 9.50
CA LEU A 80 -23.53 4.30 9.95
C LEU A 80 -23.85 4.84 11.35
N ALA A 81 -25.14 4.98 11.67
CA ALA A 81 -25.53 5.46 12.99
C ALA A 81 -25.12 4.48 14.07
N LEU A 82 -25.28 3.18 13.83
CA LEU A 82 -24.85 2.18 14.81
C LEU A 82 -23.35 2.22 15.01
N ILE A 83 -22.59 2.32 13.91
CA ILE A 83 -21.13 2.39 14.02
C ILE A 83 -20.71 3.61 14.80
N ASN A 84 -21.39 4.75 14.58
CA ASN A 84 -21.10 5.95 15.36
C ASN A 84 -21.37 5.72 16.85
N THR A 85 -22.45 5.00 17.17
CA THR A 85 -22.73 4.70 18.57
C THR A 85 -21.64 3.83 19.17
N LEU A 86 -21.23 2.78 18.44
CA LEU A 86 -20.16 1.92 18.93
C LEU A 86 -18.82 2.64 18.97
N ASN A 87 -18.64 3.63 18.09
CA ASN A 87 -17.38 4.40 18.09
C ASN A 87 -17.18 5.10 19.43
N HIS A 88 -18.24 5.63 20.02
CA HIS A 88 -18.16 6.41 21.25
C HIS A 88 -18.47 5.58 22.49
N ASP A 89 -18.58 4.26 22.35
CA ASP A 89 -18.83 3.38 23.48
C ASP A 89 -17.47 2.97 24.07
N ASP A 90 -17.13 3.53 25.23
CA ASP A 90 -15.83 3.24 25.85
C ASP A 90 -15.69 1.77 26.23
N SER A 91 -16.80 1.08 26.46
CA SER A 91 -16.72 -0.34 26.83
C SER A 91 -16.47 -1.24 25.64
N VAL A 92 -16.47 -0.71 24.42
CA VAL A 92 -16.25 -1.49 23.21
C VAL A 92 -14.87 -1.15 22.68
N HIS A 93 -14.03 -2.17 22.51
CA HIS A 93 -12.66 -1.96 22.06
C HIS A 93 -12.42 -2.32 20.61
N GLY A 94 -13.29 -3.15 20.03
CA GLY A 94 -13.13 -3.56 18.65
C GLY A 94 -14.47 -3.58 17.95
N ILE A 95 -14.45 -3.19 16.68
CA ILE A 95 -15.65 -3.11 15.86
C ILE A 95 -15.34 -3.84 14.56
N LEU A 96 -16.10 -4.90 14.27
CA LEU A 96 -15.95 -5.66 13.05
C LEU A 96 -17.28 -5.72 12.32
N VAL A 97 -17.24 -5.55 11.01
CA VAL A 97 -18.42 -5.65 10.16
C VAL A 97 -18.28 -6.92 9.33
N GLN A 98 -19.16 -7.89 9.59
CA GLN A 98 -19.09 -9.17 8.89
C GLN A 98 -19.35 -8.99 7.41
N LEU A 99 -18.43 -9.46 6.59
CA LEU A 99 -18.54 -9.42 5.14
C LEU A 99 -19.05 -10.76 4.61
N PRO A 100 -19.81 -10.77 3.50
CA PRO A 100 -20.15 -9.61 2.68
C PRO A 100 -21.37 -8.83 3.17
N LEU A 101 -21.39 -7.54 2.88
CA LEU A 101 -22.56 -6.71 3.13
C LEU A 101 -23.53 -6.83 1.95
N PRO A 102 -24.80 -6.46 2.16
CA PRO A 102 -25.75 -6.49 1.04
C PRO A 102 -25.28 -5.63 -0.12
N ASP A 103 -25.84 -5.91 -1.30
CA ASP A 103 -25.40 -5.20 -2.50
C ASP A 103 -25.66 -3.72 -2.43
N HIS A 104 -26.70 -3.30 -1.70
CA HIS A 104 -27.07 -1.89 -1.62
C HIS A 104 -26.30 -1.13 -0.55
N ILE A 105 -25.19 -1.68 -0.06
CA ILE A 105 -24.36 -1.06 0.96
C ILE A 105 -22.95 -0.91 0.41
N CYS A 106 -22.42 0.31 0.46
CA CYS A 106 -21.05 0.57 0.01
C CYS A 106 -20.08 0.16 1.12
N LYS A 107 -19.30 -0.88 0.86
CA LYS A 107 -18.41 -1.42 1.89
C LYS A 107 -17.34 -0.41 2.28
N ASP A 108 -16.74 0.26 1.31
CA ASP A 108 -15.64 1.18 1.60
C ASP A 108 -16.09 2.32 2.51
N LEU A 109 -17.26 2.90 2.23
CA LEU A 109 -17.75 3.99 3.08
C LEU A 109 -18.08 3.50 4.48
N ILE A 110 -18.58 2.27 4.61
CA ILE A 110 -18.89 1.71 5.92
C ILE A 110 -17.61 1.49 6.72
N LEU A 111 -16.58 0.91 6.09
CA LEU A 111 -15.37 0.58 6.83
C LEU A 111 -14.60 1.84 7.24
N GLU A 112 -14.69 2.92 6.47
CA GLU A 112 -13.99 4.15 6.83
C GLU A 112 -14.66 4.87 7.99
N SER A 113 -15.95 4.60 8.25
CA SER A 113 -16.64 5.25 9.36
C SER A 113 -16.28 4.64 10.70
N ILE A 114 -15.75 3.43 10.72
CA ILE A 114 -15.26 2.83 11.97
C ILE A 114 -14.06 3.63 12.46
N ILE A 115 -14.09 4.04 13.73
CA ILE A 115 -12.98 4.78 14.29
C ILE A 115 -11.73 3.91 14.25
N SER A 116 -10.61 4.50 13.84
CA SER A 116 -9.43 3.71 13.54
C SER A 116 -8.82 3.07 14.78
N SER A 117 -9.10 3.59 15.97
CA SER A 117 -8.59 2.99 17.20
C SER A 117 -9.38 1.76 17.63
N LYS A 118 -10.45 1.42 16.91
CA LYS A 118 -11.20 0.19 17.16
C LYS A 118 -11.33 -0.66 15.89
N ASP A 119 -10.53 -0.36 14.87
CA ASP A 119 -10.60 -1.05 13.58
C ASP A 119 -9.71 -2.30 13.67
N VAL A 120 -10.26 -3.34 14.30
CA VAL A 120 -9.49 -4.57 14.50
C VAL A 120 -9.26 -5.33 13.21
N ASP A 121 -10.03 -5.04 12.15
CA ASP A 121 -9.77 -5.66 10.85
C ASP A 121 -8.69 -4.93 10.07
N GLY A 122 -8.26 -3.76 10.51
CA GLY A 122 -7.22 -3.03 9.81
C GLY A 122 -7.60 -2.55 8.43
N PHE A 123 -8.89 -2.33 8.18
CA PHE A 123 -9.36 -1.94 6.86
C PHE A 123 -9.52 -0.42 6.70
N HIS A 124 -9.48 0.34 7.78
CA HIS A 124 -9.60 1.78 7.67
C HIS A 124 -8.45 2.34 6.83
N PRO A 125 -8.72 3.33 5.96
CA PRO A 125 -7.65 3.86 5.10
C PRO A 125 -6.39 4.29 5.84
N ILE A 126 -6.53 4.89 7.04
CA ILE A 126 -5.33 5.36 7.73
C ILE A 126 -4.53 4.18 8.28
N ASN A 127 -5.20 3.06 8.59
CA ASN A 127 -4.47 1.87 9.03
C ASN A 127 -3.84 1.16 7.84
N VAL A 128 -4.49 1.19 6.67
CA VAL A 128 -3.86 0.73 5.45
C VAL A 128 -2.63 1.59 5.13
N GLY A 129 -2.74 2.90 5.38
CA GLY A 129 -1.62 3.78 5.11
C GLY A 129 -0.45 3.56 6.05
N TYR A 130 -0.73 3.35 7.34
CA TYR A 130 0.33 3.09 8.31
C TYR A 130 1.14 1.86 7.92
N LEU A 131 0.46 0.79 7.49
CA LEU A 131 1.16 -0.43 7.09
C LEU A 131 1.96 -0.21 5.82
N ASN A 132 1.40 0.51 4.85
CA ASN A 132 2.12 0.75 3.60
C ASN A 132 3.32 1.67 3.81
N LEU A 133 3.27 2.52 4.84
CA LEU A 133 4.39 3.36 5.21
C LEU A 133 5.44 2.61 6.02
N GLY A 134 5.20 1.35 6.37
CA GLY A 134 6.15 0.58 7.15
C GLY A 134 6.02 0.74 8.63
N LEU A 135 4.94 1.37 9.11
CA LEU A 135 4.73 1.59 10.52
C LEU A 135 3.79 0.53 11.08
N GLU A 136 4.04 0.12 12.32
CA GLU A 136 3.19 -0.83 13.03
C GLU A 136 2.35 -0.13 14.10
N SER A 137 2.13 1.17 13.95
CA SER A 137 1.38 1.89 14.97
C SER A 137 -0.11 1.58 14.91
N GLY A 138 -0.62 1.13 13.77
CA GLY A 138 -2.03 0.84 13.61
C GLY A 138 -2.34 -0.64 13.70
N PHE A 139 -3.57 -0.98 13.33
CA PHE A 139 -3.95 -2.38 13.32
C PHE A 139 -3.62 -3.01 11.97
N LEU A 140 -3.34 -4.27 12.02
CA LEU A 140 -2.96 -4.96 10.81
C LEU A 140 -4.06 -5.95 10.41
N PRO A 141 -4.35 -6.12 9.12
CA PRO A 141 -5.41 -7.06 8.73
C PRO A 141 -5.12 -8.48 9.23
N CYS A 142 -6.19 -9.15 9.67
CA CYS A 142 -6.04 -10.37 10.44
C CYS A 142 -5.46 -11.51 9.59
N THR A 143 -5.91 -11.66 8.35
CA THR A 143 -5.45 -12.78 7.55
C THR A 143 -3.96 -12.70 7.24
N PRO A 144 -3.43 -11.61 6.67
CA PRO A 144 -1.98 -11.57 6.43
C PRO A 144 -1.17 -11.54 7.71
N LEU A 145 -1.68 -10.88 8.76
CA LEU A 145 -0.97 -10.90 10.04
C LEU A 145 -0.85 -12.31 10.59
N GLY A 146 -1.91 -13.11 10.45
CA GLY A 146 -1.85 -14.48 10.94
C GLY A 146 -0.82 -15.32 10.20
N VAL A 147 -0.68 -15.11 8.89
CA VAL A 147 0.32 -15.83 8.12
C VAL A 147 1.72 -15.46 8.59
N MSE A 148 1.96 -14.18 8.82
CA MSE A 148 3.25 -13.71 9.31
C MSE A 148 3.58 -14.33 10.66
O MSE A 148 4.71 -14.77 10.89
CB MSE A 148 3.26 -12.18 9.41
CG MSE A 148 3.08 -11.48 8.07
SE MSE A 148 4.57 -11.77 6.83
CE MSE A 148 5.97 -10.86 7.84
N LYS A 149 2.60 -14.35 11.56
CA LYS A 149 2.80 -14.98 12.87
C LYS A 149 3.01 -16.48 12.72
N LEU A 150 2.30 -17.10 11.77
CA LEU A 150 2.50 -18.54 11.53
C LEU A 150 3.89 -18.81 10.98
N LEU A 151 4.37 -17.98 10.05
CA LEU A 151 5.71 -18.14 9.52
C LEU A 151 6.77 -17.83 10.57
N LYS A 152 6.50 -16.84 11.42
CA LYS A 152 7.45 -16.51 12.48
C LYS A 152 7.56 -17.63 13.51
N ALA A 153 6.44 -18.28 13.84
CA ALA A 153 6.45 -19.35 14.83
C ALA A 153 7.31 -20.51 14.37
N TYR A 154 7.46 -20.71 13.06
CA TYR A 154 8.29 -21.76 12.52
C TYR A 154 9.68 -21.26 12.15
N GLU A 155 10.04 -20.05 12.58
CA GLU A 155 11.39 -19.51 12.42
C GLU A 155 11.82 -19.48 10.96
N ILE A 156 10.92 -19.07 10.08
CA ILE A 156 11.20 -18.96 8.66
C ILE A 156 11.67 -17.54 8.37
N ASP A 157 12.91 -17.42 7.91
CA ASP A 157 13.48 -16.12 7.59
C ASP A 157 12.95 -15.66 6.23
N LEU A 158 12.42 -14.45 6.19
CA LEU A 158 11.83 -13.90 4.98
C LEU A 158 12.71 -12.87 4.28
N GLU A 159 13.80 -12.45 4.93
CA GLU A 159 14.66 -11.42 4.36
C GLU A 159 15.37 -11.96 3.13
N GLY A 160 15.20 -11.26 2.01
CA GLY A 160 15.80 -11.67 0.76
C GLY A 160 15.09 -12.79 0.02
N LYS A 161 14.00 -13.30 0.56
CA LYS A 161 13.28 -14.39 -0.10
C LYS A 161 12.44 -13.87 -1.25
N ASP A 162 12.32 -14.67 -2.30
CA ASP A 162 11.49 -14.35 -3.45
C ASP A 162 10.07 -14.84 -3.17
N ALA A 163 9.17 -13.90 -2.87
CA ALA A 163 7.80 -14.22 -2.51
C ALA A 163 6.86 -13.86 -3.66
N VAL A 164 5.86 -14.71 -3.88
CA VAL A 164 4.83 -14.47 -4.89
C VAL A 164 3.48 -14.55 -4.20
N ILE A 165 2.66 -13.51 -4.38
CA ILE A 165 1.30 -13.46 -3.87
C ILE A 165 0.36 -13.53 -5.06
N ILE A 166 -0.57 -14.49 -5.02
CA ILE A 166 -1.57 -14.66 -6.06
C ILE A 166 -2.90 -14.14 -5.52
N GLY A 167 -3.41 -13.09 -6.14
CA GLY A 167 -4.59 -12.38 -5.63
C GLY A 167 -4.14 -11.05 -5.05
N ALA A 168 -4.94 -10.01 -5.30
CA ALA A 168 -4.59 -8.65 -4.91
C ALA A 168 -5.76 -7.96 -4.25
N SER A 169 -6.46 -8.66 -3.37
CA SER A 169 -7.60 -8.07 -2.68
C SER A 169 -7.13 -7.18 -1.53
N ASN A 170 -8.03 -6.31 -1.08
CA ASN A 170 -7.76 -5.52 0.11
C ASN A 170 -7.79 -6.36 1.37
N ILE A 171 -8.47 -7.51 1.34
CA ILE A 171 -8.56 -8.36 2.51
C ILE A 171 -7.24 -9.07 2.78
N VAL A 172 -6.60 -9.57 1.72
CA VAL A 172 -5.45 -10.47 1.88
C VAL A 172 -4.27 -10.02 1.04
N GLY A 173 -4.44 -10.02 -0.28
CA GLY A 173 -3.29 -9.96 -1.17
C GLY A 173 -2.46 -8.70 -1.00
N ARG A 174 -3.10 -7.55 -0.94
CA ARG A 174 -2.35 -6.29 -0.87
C ARG A 174 -1.67 -6.10 0.48
N PRO A 175 -2.35 -6.23 1.62
CA PRO A 175 -1.61 -6.11 2.90
C PRO A 175 -0.57 -7.20 3.11
N MSE A 176 -0.75 -8.37 2.51
CA MSE A 176 0.23 -9.45 2.62
C MSE A 176 1.54 -9.06 1.94
O MSE A 176 2.62 -9.21 2.52
CB MSE A 176 -0.31 -10.74 1.99
CG MSE A 176 0.66 -11.91 2.07
SE MSE A 176 0.60 -12.84 3.77
CE MSE A 176 -1.20 -13.62 3.62
N ALA A 177 1.44 -8.55 0.71
CA ALA A 177 2.63 -8.13 -0.02
C ALA A 177 3.36 -7.02 0.71
N THR A 178 2.62 -6.13 1.38
CA THR A 178 3.25 -5.03 2.11
C THR A 178 4.01 -5.55 3.32
N MSE A 179 3.44 -6.51 4.05
CA MSE A 179 4.11 -7.06 5.22
C MSE A 179 5.35 -7.85 4.83
O MSE A 179 6.38 -7.79 5.49
CB MSE A 179 3.16 -7.96 6.02
CG MSE A 179 1.98 -7.22 6.62
SE MSE A 179 0.87 -8.37 7.74
CE MSE A 179 -0.71 -7.24 7.83
N LEU A 180 5.24 -8.62 3.73
CA LEU A 180 6.40 -9.33 3.20
C LEU A 180 7.45 -8.35 2.70
N LEU A 181 7.02 -7.25 2.09
CA LEU A 181 7.96 -6.23 1.65
C LEU A 181 8.61 -5.53 2.86
N ASN A 182 7.79 -5.20 3.88
CA ASN A 182 8.34 -4.62 5.09
C ASN A 182 9.32 -5.56 5.77
N ALA A 183 9.12 -6.87 5.64
CA ALA A 183 10.01 -7.86 6.23
C ALA A 183 11.29 -8.07 5.42
N GLY A 184 11.42 -7.43 4.26
CA GLY A 184 12.63 -7.50 3.48
C GLY A 184 12.63 -8.50 2.35
N ALA A 185 11.48 -9.07 2.00
CA ALA A 185 11.40 -10.01 0.90
C ALA A 185 11.15 -9.30 -0.42
N THR A 186 11.54 -9.95 -1.51
CA THR A 186 11.16 -9.50 -2.85
C THR A 186 9.78 -10.07 -3.16
N VAL A 187 8.84 -9.19 -3.51
CA VAL A 187 7.44 -9.58 -3.65
C VAL A 187 6.98 -9.38 -5.09
N SER A 188 6.19 -10.32 -5.58
CA SER A 188 5.51 -10.23 -6.87
C SER A 188 4.02 -10.48 -6.66
N VAL A 189 3.19 -9.55 -7.12
CA VAL A 189 1.74 -9.65 -6.95
C VAL A 189 1.16 -10.05 -8.30
N CYS A 190 0.62 -11.26 -8.35
CA CYS A 190 -0.03 -11.78 -9.54
C CYS A 190 -1.53 -11.87 -9.31
N HIS A 191 -2.26 -12.08 -10.39
CA HIS A 191 -3.72 -12.06 -10.36
C HIS A 191 -4.23 -12.63 -11.68
N ILE A 192 -5.51 -12.43 -11.96
CA ILE A 192 -6.16 -13.04 -13.12
C ILE A 192 -5.60 -12.49 -14.42
N LYS A 193 -5.10 -11.26 -14.41
CA LYS A 193 -4.58 -10.62 -15.61
C LYS A 193 -3.11 -10.94 -15.86
N THR A 194 -2.45 -11.64 -14.95
CA THR A 194 -1.08 -12.07 -15.18
C THR A 194 -1.02 -13.02 -16.36
N LYS A 195 -0.09 -12.76 -17.28
CA LYS A 195 -0.01 -13.56 -18.50
C LYS A 195 0.36 -15.01 -18.21
N ASP A 196 1.35 -15.23 -17.36
CA ASP A 196 1.82 -16.58 -17.04
C ASP A 196 2.18 -16.61 -15.55
N LEU A 197 1.30 -17.21 -14.74
CA LEU A 197 1.57 -17.34 -13.31
C LEU A 197 2.79 -18.20 -13.04
N SER A 198 3.04 -19.20 -13.89
CA SER A 198 4.12 -20.15 -13.65
C SER A 198 5.49 -19.49 -13.75
N LEU A 199 5.62 -18.45 -14.58
CA LEU A 199 6.89 -17.73 -14.67
C LEU A 199 7.32 -17.19 -13.31
N TYR A 200 6.36 -16.76 -12.49
CA TYR A 200 6.66 -16.23 -11.17
C TYR A 200 6.73 -17.31 -10.10
N THR A 201 5.82 -18.29 -10.13
CA THR A 201 5.75 -19.27 -9.06
C THR A 201 6.91 -20.26 -9.11
N ARG A 202 7.39 -20.60 -10.31
CA ARG A 202 8.44 -21.61 -10.42
C ARG A 202 9.78 -21.15 -9.88
N GLN A 203 9.97 -19.84 -9.70
CA GLN A 203 11.18 -19.29 -9.11
C GLN A 203 10.99 -18.88 -7.65
N ALA A 204 9.79 -19.04 -7.11
CA ALA A 204 9.47 -18.51 -5.79
C ALA A 204 9.98 -19.39 -4.67
N ASP A 205 10.52 -18.76 -3.63
CA ASP A 205 10.80 -19.42 -2.37
C ASP A 205 9.56 -19.52 -1.48
N LEU A 206 8.60 -18.62 -1.67
CA LEU A 206 7.40 -18.54 -0.85
C LEU A 206 6.23 -18.13 -1.73
N ILE A 207 5.11 -18.84 -1.61
CA ILE A 207 3.92 -18.55 -2.40
C ILE A 207 2.74 -18.39 -1.47
N ILE A 208 2.03 -17.27 -1.58
CA ILE A 208 0.75 -17.05 -0.90
C ILE A 208 -0.33 -17.08 -1.96
N VAL A 209 -1.23 -18.05 -1.87
CA VAL A 209 -2.31 -18.21 -2.84
C VAL A 209 -3.61 -17.81 -2.17
N ALA A 210 -4.25 -16.78 -2.72
CA ALA A 210 -5.53 -16.28 -2.23
C ALA A 210 -6.35 -15.78 -3.42
N ALA A 211 -6.64 -16.69 -4.35
CA ALA A 211 -7.31 -16.34 -5.60
C ALA A 211 -8.70 -16.94 -5.72
N GLY A 212 -9.15 -17.73 -4.74
CA GLY A 212 -10.47 -18.33 -4.80
C GLY A 212 -10.67 -19.21 -6.02
N CYS A 213 -9.82 -20.22 -6.18
CA CYS A 213 -9.93 -21.14 -7.31
C CYS A 213 -9.29 -22.47 -6.92
N VAL A 214 -10.04 -23.55 -7.09
CA VAL A 214 -9.55 -24.87 -6.71
C VAL A 214 -8.43 -25.30 -7.64
N ASN A 215 -7.36 -25.86 -7.05
CA ASN A 215 -6.23 -26.43 -7.80
C ASN A 215 -5.54 -25.39 -8.68
N LEU A 216 -5.49 -24.13 -8.23
CA LEU A 216 -4.80 -23.13 -9.02
C LEU A 216 -3.29 -23.36 -9.03
N LEU A 217 -2.73 -23.73 -7.88
CA LEU A 217 -1.30 -23.99 -7.75
C LEU A 217 -1.05 -25.48 -7.91
N ARG A 218 -0.31 -25.85 -8.95
CA ARG A 218 0.01 -27.23 -9.26
C ARG A 218 1.47 -27.52 -8.93
N SER A 219 1.83 -28.80 -8.96
CA SER A 219 3.19 -29.20 -8.62
C SER A 219 4.20 -28.74 -9.66
N ASP A 220 3.80 -28.69 -10.93
CA ASP A 220 4.72 -28.27 -11.99
C ASP A 220 4.86 -26.76 -12.12
N MSE A 221 4.20 -26.01 -11.24
CA MSE A 221 4.36 -24.56 -11.19
C MSE A 221 5.25 -24.16 -10.03
O MSE A 221 5.31 -23.00 -9.64
CB MSE A 221 3.00 -23.87 -11.06
CG MSE A 221 1.97 -24.26 -12.10
SE MSE A 221 0.20 -23.62 -11.63
CE MSE A 221 0.61 -21.72 -11.43
N VAL A 222 5.93 -25.15 -9.46
CA VAL A 222 6.58 -25.01 -8.16
C VAL A 222 7.93 -25.71 -8.19
N LYS A 223 8.91 -25.13 -7.51
CA LYS A 223 10.22 -25.73 -7.35
C LYS A 223 10.33 -26.40 -5.99
N GLU A 224 11.30 -27.31 -5.87
CA GLU A 224 11.51 -28.04 -4.62
C GLU A 224 11.93 -27.09 -3.50
N GLY A 225 11.42 -27.35 -2.30
CA GLY A 225 11.77 -26.56 -1.14
C GLY A 225 10.93 -25.31 -0.93
N VAL A 226 9.86 -25.14 -1.71
CA VAL A 226 9.05 -23.94 -1.60
C VAL A 226 8.23 -23.97 -0.32
N ILE A 227 7.90 -22.77 0.18
CA ILE A 227 6.98 -22.61 1.30
C ILE A 227 5.64 -22.17 0.71
N VAL A 228 4.58 -22.90 1.01
CA VAL A 228 3.28 -22.67 0.42
C VAL A 228 2.29 -22.31 1.52
N VAL A 229 1.58 -21.20 1.34
CA VAL A 229 0.55 -20.74 2.27
C VAL A 229 -0.75 -20.65 1.48
N ASP A 230 -1.73 -21.45 1.88
CA ASP A 230 -3.01 -21.57 1.17
C ASP A 230 -4.08 -20.84 1.98
N VAL A 231 -4.47 -19.65 1.50
CA VAL A 231 -5.53 -18.88 2.14
C VAL A 231 -6.92 -19.31 1.63
N GLY A 232 -6.99 -20.04 0.53
CA GLY A 232 -8.28 -20.35 -0.05
C GLY A 232 -9.11 -21.24 0.85
N ILE A 233 -10.42 -21.01 0.84
CA ILE A 233 -11.39 -21.86 1.53
C ILE A 233 -12.52 -22.12 0.54
N ASN A 234 -12.43 -23.24 -0.19
CA ASN A 234 -13.35 -23.56 -1.25
C ASN A 234 -14.11 -24.83 -0.90
N ARG A 235 -15.41 -24.82 -1.15
CA ARG A 235 -16.27 -25.96 -0.88
C ARG A 235 -16.60 -26.66 -2.20
N LEU A 236 -16.17 -27.91 -2.32
CA LEU A 236 -16.44 -28.69 -3.52
C LEU A 236 -17.91 -29.10 -3.57
N GLU A 237 -18.30 -29.70 -4.71
CA GLU A 237 -19.66 -30.20 -4.86
C GLU A 237 -20.02 -31.23 -3.80
N SER A 238 -19.04 -32.02 -3.36
CA SER A 238 -19.27 -33.03 -2.34
C SER A 238 -19.36 -32.45 -0.93
N GLY A 239 -19.12 -31.15 -0.76
CA GLY A 239 -19.06 -30.55 0.54
C GLY A 239 -17.69 -30.49 1.16
N LYS A 240 -16.71 -31.17 0.57
CA LYS A 240 -15.35 -31.17 1.10
C LYS A 240 -14.73 -29.77 0.94
N ILE A 241 -14.11 -29.29 2.01
CA ILE A 241 -13.44 -27.99 1.99
C ILE A 241 -11.99 -28.18 1.58
N VAL A 242 -11.57 -27.45 0.55
CA VAL A 242 -10.20 -27.46 0.07
C VAL A 242 -9.76 -26.01 -0.14
N GLY A 243 -8.45 -25.83 -0.33
CA GLY A 243 -7.89 -24.53 -0.58
C GLY A 243 -7.68 -24.26 -2.05
N ASP A 244 -6.83 -23.28 -2.34
CA ASP A 244 -6.47 -22.96 -3.72
C ASP A 244 -5.32 -23.80 -4.24
N VAL A 245 -4.67 -24.59 -3.38
CA VAL A 245 -3.49 -25.36 -3.76
C VAL A 245 -3.88 -26.82 -3.94
N ASP A 246 -3.33 -27.44 -4.97
CA ASP A 246 -3.40 -28.90 -5.10
C ASP A 246 -2.50 -29.52 -4.03
N PHE A 247 -3.06 -29.77 -2.85
CA PHE A 247 -2.23 -30.10 -1.69
C PHE A 247 -1.47 -31.41 -1.88
N GLU A 248 -2.14 -32.43 -2.45
CA GLU A 248 -1.52 -33.75 -2.51
C GLU A 248 -0.22 -33.72 -3.31
N GLU A 249 -0.19 -32.98 -4.41
CA GLU A 249 0.99 -32.94 -5.26
C GLU A 249 1.99 -31.86 -4.85
N VAL A 250 1.50 -30.67 -4.50
CA VAL A 250 2.40 -29.57 -4.17
C VAL A 250 3.16 -29.84 -2.87
N SER A 251 2.51 -30.50 -1.91
CA SER A 251 3.17 -30.77 -0.63
C SER A 251 4.37 -31.69 -0.78
N LYS A 252 4.44 -32.47 -1.86
CA LYS A 252 5.59 -33.34 -2.08
C LYS A 252 6.86 -32.56 -2.39
N LYS A 253 6.72 -31.34 -2.91
CA LYS A 253 7.88 -30.49 -3.21
C LYS A 253 8.06 -29.37 -2.21
N SER A 254 7.22 -29.30 -1.18
CA SER A 254 7.23 -28.17 -0.25
C SER A 254 8.00 -28.52 1.02
N SER A 255 8.83 -27.58 1.47
CA SER A 255 9.47 -27.71 2.77
C SER A 255 8.49 -27.37 3.90
N TYR A 256 7.61 -26.39 3.66
CA TYR A 256 6.55 -26.01 4.58
C TYR A 256 5.30 -25.73 3.77
N ILE A 257 4.15 -26.17 4.27
CA ILE A 257 2.89 -25.93 3.57
C ILE A 257 1.75 -25.93 4.58
N THR A 258 0.83 -24.99 4.40
CA THR A 258 -0.36 -24.92 5.23
C THR A 258 -1.41 -25.90 4.71
N PRO A 259 -1.98 -26.74 5.57
CA PRO A 259 -3.12 -27.56 5.16
C PRO A 259 -4.40 -26.75 5.15
N VAL A 260 -5.38 -27.25 4.39
CA VAL A 260 -6.72 -26.70 4.36
C VAL A 260 -7.70 -27.85 4.55
N PRO A 261 -8.51 -27.87 5.61
CA PRO A 261 -8.56 -26.86 6.66
C PRO A 261 -7.43 -26.96 7.68
N GLY A 262 -7.46 -26.10 8.69
CA GLY A 262 -6.48 -26.14 9.76
C GLY A 262 -5.22 -25.33 9.54
N GLY A 263 -5.21 -24.42 8.58
CA GLY A 263 -4.02 -23.65 8.30
C GLY A 263 -4.19 -22.16 8.57
N VAL A 264 -4.50 -21.40 7.52
CA VAL A 264 -4.64 -19.95 7.65
C VAL A 264 -5.94 -19.59 8.36
N GLY A 265 -6.98 -20.40 8.19
CA GLY A 265 -8.30 -20.14 8.73
C GLY A 265 -8.31 -19.80 10.20
N PRO A 266 -7.88 -20.74 11.05
CA PRO A 266 -7.84 -20.47 12.49
C PRO A 266 -6.90 -19.34 12.89
N MSE A 267 -5.88 -19.05 12.08
CA MSE A 267 -4.96 -17.96 12.39
C MSE A 267 -5.61 -16.60 12.15
O MSE A 267 -5.27 -15.63 12.80
CB MSE A 267 -3.68 -18.09 11.56
CG MSE A 267 -2.80 -19.26 11.96
SE MSE A 267 -2.24 -19.14 13.82
CE MSE A 267 -1.45 -17.36 13.77
N THR A 268 -6.55 -16.56 11.20
CA THR A 268 -7.28 -15.33 10.94
C THR A 268 -8.15 -14.95 12.13
N ILE A 269 -8.83 -15.93 12.72
CA ILE A 269 -9.66 -15.65 13.89
C ILE A 269 -8.78 -15.29 15.09
N ALA A 270 -7.65 -15.97 15.24
CA ALA A 270 -6.76 -15.70 16.38
C ALA A 270 -6.25 -14.26 16.35
N MSE A 271 -6.00 -13.72 15.17
CA MSE A 271 -5.51 -12.35 15.07
C MSE A 271 -6.61 -11.33 15.34
O MSE A 271 -6.36 -10.25 15.86
CB MSE A 271 -4.89 -12.09 13.70
CG MSE A 271 -3.57 -12.81 13.48
SE MSE A 271 -2.24 -12.42 14.87
CE MSE A 271 -2.53 -13.98 16.01
N LEU A 272 -7.85 -11.68 14.98
CA LEU A 272 -8.99 -10.86 15.34
C LEU A 272 -9.10 -10.72 16.85
N LEU A 273 -8.98 -11.84 17.57
CA LEU A 273 -8.99 -11.80 19.02
C LEU A 273 -7.78 -11.05 19.57
N GLU A 274 -6.62 -11.24 18.94
CA GLU A 274 -5.40 -10.59 19.44
C GLU A 274 -5.44 -9.09 19.20
N ASN A 275 -5.99 -8.65 18.05
CA ASN A 275 -6.14 -7.22 17.81
C ASN A 275 -7.13 -6.59 18.77
N THR A 276 -8.13 -7.36 19.24
CA THR A 276 -9.10 -6.81 20.17
C THR A 276 -8.49 -6.63 21.56
N VAL A 277 -7.71 -7.61 22.01
CA VAL A 277 -7.01 -7.47 23.28
C VAL A 277 -5.95 -6.38 23.18
N LYS A 278 -5.35 -6.21 22.01
CA LYS A 278 -4.39 -5.13 21.80
C LYS A 278 -5.05 -3.77 22.00
N SER A 279 -6.26 -3.59 21.46
CA SER A 279 -6.98 -2.34 21.63
C SER A 279 -7.38 -2.14 23.10
N ALA A 280 -7.79 -3.21 23.77
CA ALA A 280 -8.18 -3.09 25.18
C ALA A 280 -6.97 -2.76 26.05
N LYS A 281 -5.80 -3.28 25.69
CA LYS A 281 -4.59 -2.97 26.43
C LYS A 281 -4.22 -1.49 26.31
N ASN A 282 -4.60 -0.85 25.21
CA ASN A 282 -4.30 0.58 25.04
C ASN A 282 -4.98 1.42 26.12
N ARG A 283 -6.09 0.92 26.69
CA ARG A 283 -6.79 1.63 27.76
C ARG A 283 -5.99 1.67 29.05
N LEU A 284 -4.94 0.85 29.18
CA LEU A 284 -4.15 0.78 30.39
C LEU A 284 -3.15 1.92 30.47
N ALA B 3 11.54 -0.26 -33.55
CA ALA B 3 11.36 1.17 -33.37
C ALA B 3 11.49 1.54 -31.90
N MSE B 4 12.29 2.57 -31.61
CA MSE B 4 12.43 3.04 -30.23
C MSE B 4 11.92 4.47 -30.13
O MSE B 4 12.18 5.30 -31.01
CB MSE B 4 13.89 2.96 -29.77
CG MSE B 4 14.15 3.45 -28.33
SE MSE B 4 14.56 5.35 -28.19
CE MSE B 4 16.46 5.34 -28.62
N THR B 5 11.18 4.77 -29.05
CA THR B 5 10.56 6.06 -28.85
C THR B 5 10.96 6.60 -27.48
N LEU B 6 11.45 7.84 -27.45
CA LEU B 6 11.75 8.52 -26.20
C LEU B 6 10.47 8.98 -25.53
N LEU B 7 10.38 8.75 -24.22
CA LEU B 7 9.26 9.25 -23.41
C LEU B 7 9.61 10.67 -22.98
N ASP B 8 9.27 11.65 -23.81
CA ASP B 8 9.69 13.03 -23.62
C ASP B 8 8.84 13.66 -22.52
N GLY B 9 9.30 13.53 -21.28
CA GLY B 9 8.60 14.16 -20.18
C GLY B 9 8.76 15.66 -20.15
N LYS B 10 9.83 16.18 -20.74
CA LYS B 10 10.04 17.63 -20.77
C LYS B 10 8.99 18.32 -21.64
N ALA B 11 8.73 17.77 -22.82
CA ALA B 11 7.71 18.36 -23.69
C ALA B 11 6.32 18.23 -23.10
N LEU B 12 6.01 17.06 -22.53
CA LEU B 12 4.69 16.88 -21.92
C LEU B 12 4.50 17.79 -20.72
N SER B 13 5.55 17.97 -19.92
CA SER B 13 5.45 18.85 -18.75
C SER B 13 5.17 20.29 -19.15
N ALA B 14 5.80 20.75 -20.23
CA ALA B 14 5.56 22.12 -20.70
C ALA B 14 4.12 22.29 -21.16
N LYS B 15 3.56 21.27 -21.80
CA LYS B 15 2.17 21.34 -22.24
C LYS B 15 1.21 21.39 -21.05
N ILE B 16 1.51 20.59 -20.01
CA ILE B 16 0.66 20.59 -18.82
C ILE B 16 0.73 21.93 -18.11
N LYS B 17 1.92 22.54 -18.07
CA LYS B 17 2.04 23.88 -17.49
C LYS B 17 1.20 24.89 -18.26
N GLU B 18 1.20 24.79 -19.59
CA GLU B 18 0.39 25.70 -20.38
C GLU B 18 -1.10 25.48 -20.13
N GLU B 19 -1.50 24.23 -19.92
CA GLU B 19 -2.91 23.95 -19.62
C GLU B 19 -3.31 24.47 -18.25
N LEU B 20 -2.41 24.34 -17.27
CA LEU B 20 -2.71 24.83 -15.92
C LEU B 20 -2.74 26.36 -15.88
N LYS B 21 -1.91 27.02 -16.70
CA LYS B 21 -1.95 28.47 -16.78
C LYS B 21 -3.31 28.96 -17.27
N GLU B 22 -3.86 28.28 -18.28
CA GLU B 22 -5.20 28.64 -18.76
C GLU B 22 -6.26 28.35 -17.72
N LYS B 23 -6.17 27.20 -17.04
CA LYS B 23 -7.13 26.90 -15.98
C LYS B 23 -7.09 27.94 -14.87
N ASN B 24 -5.89 28.34 -14.47
CA ASN B 24 -5.78 29.31 -13.38
C ASN B 24 -6.33 30.68 -13.76
N GLN B 25 -6.26 31.04 -15.04
CA GLN B 25 -6.86 32.30 -15.47
C GLN B 25 -8.37 32.27 -15.32
N PHE B 26 -8.99 31.14 -15.67
CA PHE B 26 -10.42 30.97 -15.43
C PHE B 26 -10.72 30.94 -13.93
N LEU B 27 -9.90 30.24 -13.15
CA LEU B 27 -10.10 30.18 -11.71
C LEU B 27 -9.91 31.55 -11.07
N LYS B 28 -8.87 32.27 -11.49
CA LYS B 28 -8.62 33.60 -10.94
C LYS B 28 -9.77 34.54 -11.25
N SER B 29 -10.35 34.44 -12.44
CA SER B 29 -11.48 35.30 -12.80
C SER B 29 -12.69 35.03 -11.93
N LYS B 30 -12.74 33.88 -11.26
CA LYS B 30 -13.84 33.55 -10.35
C LYS B 30 -13.42 33.63 -8.89
N GLY B 31 -12.31 34.31 -8.59
CA GLY B 31 -11.92 34.58 -7.22
C GLY B 31 -11.08 33.53 -6.54
N ILE B 32 -10.53 32.57 -7.29
CA ILE B 32 -9.72 31.50 -6.72
C ILE B 32 -8.32 31.59 -7.31
N GLU B 33 -7.33 31.85 -6.46
CA GLU B 33 -5.93 31.95 -6.86
C GLU B 33 -5.19 30.74 -6.27
N SER B 34 -4.89 29.77 -7.12
CA SER B 34 -4.20 28.56 -6.66
C SER B 34 -2.89 28.93 -5.97
N CYS B 35 -2.68 28.37 -4.79
CA CYS B 35 -1.55 28.75 -3.95
C CYS B 35 -0.93 27.52 -3.30
N LEU B 36 0.39 27.39 -3.44
CA LEU B 36 1.15 26.30 -2.86
C LEU B 36 2.12 26.87 -1.83
N ALA B 37 2.14 26.26 -0.64
CA ALA B 37 3.10 26.62 0.40
C ALA B 37 4.20 25.58 0.45
N VAL B 38 5.45 26.02 0.33
CA VAL B 38 6.61 25.15 0.35
C VAL B 38 7.45 25.50 1.58
N ILE B 39 7.72 24.50 2.41
CA ILE B 39 8.49 24.69 3.64
C ILE B 39 9.85 24.02 3.46
N LEU B 40 10.91 24.82 3.48
CA LEU B 40 12.28 24.33 3.41
C LEU B 40 12.96 24.58 4.74
N VAL B 41 13.39 23.51 5.39
CA VAL B 41 14.11 23.59 6.65
C VAL B 41 15.59 23.39 6.34
N GLY B 42 16.36 24.46 6.38
CA GLY B 42 17.80 24.38 6.25
C GLY B 42 18.33 25.14 5.04
N ASP B 43 19.65 25.09 4.91
CA ASP B 43 20.37 25.74 3.82
C ASP B 43 21.06 24.73 2.91
N ASN B 44 20.54 23.51 2.83
CA ASN B 44 21.11 22.50 1.95
C ASN B 44 21.11 23.01 0.52
N PRO B 45 22.26 22.96 -0.19
CA PRO B 45 22.30 23.55 -1.53
C PRO B 45 21.40 22.83 -2.53
N ALA B 46 21.32 21.51 -2.46
CA ALA B 46 20.46 20.77 -3.38
C ALA B 46 18.99 21.08 -3.10
N SER B 47 18.58 21.06 -1.83
CA SER B 47 17.19 21.31 -1.48
C SER B 47 16.77 22.73 -1.89
N GLN B 48 17.68 23.69 -1.78
CA GLN B 48 17.37 25.05 -2.21
C GLN B 48 17.13 25.10 -3.71
N THR B 49 17.89 24.31 -4.48
CA THR B 49 17.66 24.24 -5.92
C THR B 49 16.30 23.65 -6.24
N TYR B 50 15.88 22.62 -5.49
CA TYR B 50 14.57 22.02 -5.74
C TYR B 50 13.46 23.00 -5.43
N VAL B 51 13.62 23.83 -4.40
CA VAL B 51 12.59 24.78 -4.03
C VAL B 51 12.49 25.89 -5.07
N LYS B 52 13.62 26.35 -5.60
CA LYS B 52 13.58 27.36 -6.65
C LYS B 52 12.92 26.82 -7.92
N SER B 53 13.12 25.53 -8.21
CA SER B 53 12.48 24.93 -9.39
C SER B 53 10.96 24.90 -9.22
N LYS B 54 10.49 24.55 -8.02
CA LYS B 54 9.05 24.54 -7.76
C LYS B 54 8.46 25.94 -7.81
N ALA B 55 9.15 26.92 -7.22
CA ALA B 55 8.66 28.30 -7.25
C ALA B 55 8.65 28.85 -8.66
N LYS B 56 9.70 28.57 -9.43
CA LYS B 56 9.74 29.02 -10.82
C LYS B 56 8.63 28.35 -11.64
N ALA B 57 8.37 27.06 -11.39
CA ALA B 57 7.32 26.37 -12.11
C ALA B 57 5.94 26.88 -11.72
N CYS B 58 5.76 27.27 -10.45
CA CYS B 58 4.48 27.81 -10.02
C CYS B 58 4.16 29.12 -10.75
N GLU B 59 5.16 30.00 -10.87
CA GLU B 59 4.95 31.28 -11.55
C GLU B 59 4.58 31.07 -13.01
N GLU B 60 5.09 30.01 -13.64
CA GLU B 60 4.87 29.80 -15.06
C GLU B 60 3.45 29.35 -15.38
N CYS B 61 2.69 28.87 -14.39
CA CYS B 61 1.32 28.43 -14.62
C CYS B 61 0.32 29.14 -13.71
N GLY B 62 0.73 30.26 -13.10
CA GLY B 62 -0.20 31.09 -12.36
C GLY B 62 -0.51 30.64 -10.95
N ILE B 63 0.34 29.80 -10.36
CA ILE B 63 0.16 29.36 -8.98
C ILE B 63 0.95 30.28 -8.06
N LYS B 64 0.28 30.83 -7.05
CA LYS B 64 0.97 31.66 -6.07
C LYS B 64 1.82 30.80 -5.15
N SER B 65 3.07 31.20 -4.98
CA SER B 65 4.03 30.44 -4.18
C SER B 65 4.30 31.15 -2.85
N LEU B 66 4.32 30.37 -1.78
CA LEU B 66 4.69 30.85 -0.44
C LEU B 66 5.81 29.95 0.06
N VAL B 67 7.04 30.44 -0.04
CA VAL B 67 8.22 29.67 0.35
C VAL B 67 8.65 30.10 1.76
N TYR B 68 8.82 29.13 2.65
CA TYR B 68 9.25 29.38 4.02
C TYR B 68 10.64 28.77 4.21
N HIS B 69 11.66 29.62 4.14
CA HIS B 69 13.03 29.21 4.43
C HIS B 69 13.23 29.28 5.93
N LEU B 70 13.22 28.12 6.59
CA LEU B 70 13.38 28.06 8.04
C LEU B 70 14.80 27.64 8.40
N ASN B 71 15.24 28.07 9.58
CA ASN B 71 16.59 27.77 10.04
C ASN B 71 16.73 26.27 10.32
N GLU B 72 17.96 25.77 10.20
CA GLU B 72 18.21 24.36 10.48
C GLU B 72 17.90 24.00 11.93
N ASN B 73 18.06 24.96 12.84
CA ASN B 73 17.95 24.71 14.27
C ASN B 73 16.54 24.94 14.81
N ILE B 74 15.53 25.09 13.94
CA ILE B 74 14.18 25.28 14.43
C ILE B 74 13.68 23.99 15.06
N THR B 75 12.83 24.14 16.07
CA THR B 75 12.33 22.98 16.80
C THR B 75 11.20 22.30 16.04
N GLN B 76 10.90 21.07 16.45
CA GLN B 76 9.80 20.32 15.86
C GLN B 76 8.47 21.01 16.12
N ASN B 77 8.30 21.58 17.32
CA ASN B 77 7.05 22.26 17.65
C ASN B 77 6.85 23.51 16.81
N GLU B 78 7.93 24.21 16.44
CA GLU B 78 7.79 25.39 15.61
C GLU B 78 7.33 25.02 14.21
N LEU B 79 7.85 23.91 13.67
CA LEU B 79 7.40 23.45 12.36
C LEU B 79 5.94 23.02 12.40
N LEU B 80 5.54 22.32 13.46
CA LEU B 80 4.13 21.93 13.61
C LEU B 80 3.23 23.15 13.71
N ALA B 81 3.69 24.21 14.40
CA ALA B 81 2.88 25.41 14.52
C ALA B 81 2.67 26.08 13.17
N LEU B 82 3.72 26.10 12.33
CA LEU B 82 3.60 26.71 11.01
C LEU B 82 2.63 25.92 10.14
N ILE B 83 2.70 24.59 10.17
CA ILE B 83 1.81 23.77 9.36
C ILE B 83 0.37 23.92 9.84
N ASN B 84 0.16 24.02 11.15
CA ASN B 84 -1.19 24.23 11.68
C ASN B 84 -1.77 25.55 11.19
N THR B 85 -0.95 26.60 11.14
CA THR B 85 -1.41 27.86 10.58
C THR B 85 -1.74 27.72 9.09
N LEU B 86 -0.90 27.00 8.35
CA LEU B 86 -1.18 26.78 6.93
C LEU B 86 -2.38 25.88 6.73
N ASN B 87 -2.61 24.93 7.64
CA ASN B 87 -3.77 24.05 7.53
C ASN B 87 -5.08 24.83 7.54
N HIS B 88 -5.14 25.93 8.28
CA HIS B 88 -6.36 26.71 8.43
C HIS B 88 -6.36 27.97 7.59
N ASP B 89 -5.37 28.16 6.73
CA ASP B 89 -5.34 29.31 5.83
C ASP B 89 -6.11 28.94 4.56
N ASP B 90 -7.32 29.49 4.43
CA ASP B 90 -8.17 29.15 3.28
C ASP B 90 -7.59 29.63 1.96
N SER B 91 -6.65 30.57 1.98
CA SER B 91 -5.99 31.02 0.75
C SER B 91 -4.86 30.11 0.33
N VAL B 92 -4.53 29.09 1.13
CA VAL B 92 -3.47 28.13 0.82
C VAL B 92 -4.13 26.80 0.50
N HIS B 93 -3.78 26.23 -0.66
CA HIS B 93 -4.39 24.98 -1.12
C HIS B 93 -3.46 23.78 -1.07
N GLY B 94 -2.15 24.00 -1.09
CA GLY B 94 -1.20 22.91 -1.01
C GLY B 94 -0.11 23.21 -0.01
N ILE B 95 0.31 22.18 0.72
CA ILE B 95 1.37 22.29 1.71
C ILE B 95 2.39 21.19 1.41
N LEU B 96 3.63 21.60 1.12
CA LEU B 96 4.70 20.66 0.80
C LEU B 96 5.88 20.94 1.70
N VAL B 97 6.38 19.89 2.35
CA VAL B 97 7.57 19.98 3.20
C VAL B 97 8.74 19.38 2.43
N GLN B 98 9.75 20.20 2.17
CA GLN B 98 10.91 19.74 1.42
C GLN B 98 11.74 18.78 2.28
N LEU B 99 12.00 17.59 1.74
CA LEU B 99 12.79 16.57 2.42
C LEU B 99 14.23 16.58 1.92
N PRO B 100 15.21 16.19 2.74
CA PRO B 100 15.04 15.68 4.11
C PRO B 100 15.00 16.76 5.19
N LEU B 101 14.51 16.39 6.36
CA LEU B 101 14.43 17.20 7.56
C LEU B 101 15.61 16.89 8.48
N PRO B 102 15.93 17.79 9.41
CA PRO B 102 17.02 17.50 10.36
C PRO B 102 16.71 16.28 11.23
N ASP B 103 17.76 15.77 11.86
CA ASP B 103 17.64 14.53 12.62
C ASP B 103 16.72 14.68 13.82
N HIS B 104 16.61 15.88 14.38
CA HIS B 104 15.81 16.11 15.57
C HIS B 104 14.34 16.40 15.26
N ILE B 105 13.93 16.26 14.00
CA ILE B 105 12.54 16.46 13.59
C ILE B 105 12.05 15.18 12.95
N CYS B 106 10.98 14.62 13.49
CA CYS B 106 10.44 13.34 13.02
C CYS B 106 9.67 13.56 11.72
N LYS B 107 10.08 12.86 10.66
CA LYS B 107 9.43 13.02 9.36
C LYS B 107 7.99 12.53 9.39
N ASP B 108 7.74 11.38 10.02
CA ASP B 108 6.40 10.81 10.03
C ASP B 108 5.40 11.72 10.75
N LEU B 109 5.83 12.33 11.86
CA LEU B 109 4.93 13.21 12.60
C LEU B 109 4.62 14.48 11.82
N ILE B 110 5.62 15.04 11.13
CA ILE B 110 5.42 16.28 10.39
C ILE B 110 4.46 16.05 9.23
N LEU B 111 4.68 15.00 8.46
CA LEU B 111 3.85 14.76 7.27
C LEU B 111 2.42 14.41 7.65
N GLU B 112 2.22 13.72 8.77
CA GLU B 112 0.86 13.42 9.20
C GLU B 112 0.14 14.64 9.76
N SER B 113 0.88 15.67 10.17
CA SER B 113 0.26 16.88 10.70
C SER B 113 -0.29 17.77 9.60
N ILE B 114 0.12 17.57 8.35
CA ILE B 114 -0.46 18.32 7.25
C ILE B 114 -1.89 17.85 7.04
N ILE B 115 -2.81 18.82 6.89
CA ILE B 115 -4.19 18.47 6.63
C ILE B 115 -4.27 17.70 5.32
N SER B 116 -4.96 16.55 5.34
CA SER B 116 -4.96 15.66 4.20
C SER B 116 -5.55 16.31 2.96
N SER B 117 -6.41 17.32 3.13
CA SER B 117 -7.00 18.01 1.99
C SER B 117 -6.05 18.99 1.32
N LYS B 118 -4.84 19.18 1.86
CA LYS B 118 -3.82 20.01 1.23
C LYS B 118 -2.51 19.24 1.04
N ASP B 119 -2.56 17.92 1.16
CA ASP B 119 -1.36 17.08 1.09
C ASP B 119 -1.07 16.77 -0.38
N VAL B 120 -0.52 17.77 -1.08
CA VAL B 120 -0.26 17.64 -2.51
C VAL B 120 0.82 16.61 -2.80
N ASP B 121 1.68 16.30 -1.82
CA ASP B 121 2.68 15.25 -2.00
C ASP B 121 2.11 13.85 -1.82
N GLY B 122 0.88 13.73 -1.32
CA GLY B 122 0.27 12.43 -1.14
C GLY B 122 0.95 11.55 -0.10
N PHE B 123 1.62 12.15 0.88
CA PHE B 123 2.37 11.39 1.88
C PHE B 123 1.60 11.17 3.16
N HIS B 124 0.46 11.83 3.36
CA HIS B 124 -0.32 11.60 4.57
C HIS B 124 -0.81 10.15 4.60
N PRO B 125 -0.81 9.51 5.78
CA PRO B 125 -1.21 8.09 5.84
C PRO B 125 -2.56 7.79 5.21
N ILE B 126 -3.54 8.68 5.34
CA ILE B 126 -4.86 8.38 4.79
C ILE B 126 -4.85 8.48 3.27
N ASN B 127 -4.00 9.34 2.71
CA ASN B 127 -3.87 9.40 1.25
C ASN B 127 -3.11 8.19 0.73
N VAL B 128 -2.14 7.68 1.49
CA VAL B 128 -1.50 6.43 1.13
C VAL B 128 -2.51 5.29 1.18
N GLY B 129 -3.37 5.29 2.20
CA GLY B 129 -4.37 4.23 2.29
C GLY B 129 -5.38 4.27 1.17
N TYR B 130 -5.85 5.48 0.81
CA TYR B 130 -6.80 5.62 -0.30
C TYR B 130 -6.24 5.01 -1.57
N LEU B 131 -4.99 5.33 -1.90
CA LEU B 131 -4.37 4.79 -3.11
C LEU B 131 -4.25 3.26 -3.02
N ASN B 132 -3.85 2.75 -1.86
CA ASN B 132 -3.64 1.31 -1.72
C ASN B 132 -4.95 0.53 -1.80
N LEU B 133 -6.07 1.17 -1.48
CA LEU B 133 -7.38 0.54 -1.63
C LEU B 133 -7.92 0.61 -3.05
N GLY B 134 -7.10 1.03 -4.01
CA GLY B 134 -7.55 1.20 -5.38
C GLY B 134 -8.34 2.46 -5.64
N LEU B 135 -8.46 3.34 -4.64
CA LEU B 135 -9.19 4.60 -4.78
C LEU B 135 -8.21 5.68 -5.19
N GLU B 136 -8.18 5.99 -6.48
CA GLU B 136 -7.28 7.02 -7.01
C GLU B 136 -7.98 8.38 -7.12
N SER B 137 -8.85 8.69 -6.15
CA SER B 137 -9.59 9.95 -6.15
C SER B 137 -8.86 11.03 -5.35
N GLY B 138 -8.15 10.66 -4.29
CA GLY B 138 -7.47 11.61 -3.44
C GLY B 138 -6.17 12.11 -4.01
N PHE B 139 -5.22 12.40 -3.13
CA PHE B 139 -3.92 12.92 -3.52
C PHE B 139 -2.95 11.76 -3.72
N LEU B 140 -2.35 11.71 -4.91
CA LEU B 140 -1.38 10.70 -5.34
C LEU B 140 0.02 11.29 -5.36
N PRO B 141 1.03 10.52 -4.95
CA PRO B 141 2.40 11.03 -4.97
C PRO B 141 2.82 11.46 -6.36
N CYS B 142 3.59 12.55 -6.43
CA CYS B 142 3.81 13.23 -7.71
C CYS B 142 4.68 12.41 -8.64
N THR B 143 5.74 11.77 -8.13
CA THR B 143 6.64 11.04 -9.01
C THR B 143 5.96 9.85 -9.68
N PRO B 144 5.33 8.91 -8.96
CA PRO B 144 4.66 7.81 -9.69
C PRO B 144 3.48 8.29 -10.51
N LEU B 145 2.76 9.32 -10.06
CA LEU B 145 1.67 9.86 -10.87
C LEU B 145 2.18 10.43 -12.18
N GLY B 146 3.33 11.11 -12.15
CA GLY B 146 3.91 11.64 -13.37
C GLY B 146 4.31 10.54 -14.34
N VAL B 147 4.81 9.42 -13.82
CA VAL B 147 5.14 8.29 -14.68
C VAL B 147 3.89 7.76 -15.36
N MSE B 148 2.80 7.61 -14.61
CA MSE B 148 1.54 7.12 -15.16
C MSE B 148 1.00 8.08 -16.23
O MSE B 148 0.53 7.65 -17.27
CB MSE B 148 0.51 6.94 -14.04
CG MSE B 148 0.93 5.95 -12.97
SE MSE B 148 1.12 4.13 -13.63
CE MSE B 148 -0.75 3.79 -14.07
N LYS B 149 1.09 9.38 -15.95
CA LYS B 149 0.64 10.37 -16.92
C LYS B 149 1.52 10.35 -18.17
N LEU B 150 2.81 10.09 -18.01
CA LEU B 150 3.70 10.03 -19.17
C LEU B 150 3.42 8.79 -20.01
N LEU B 151 3.19 7.65 -19.37
CA LEU B 151 2.85 6.43 -20.09
C LEU B 151 1.51 6.57 -20.81
N LYS B 152 0.53 7.20 -20.15
CA LYS B 152 -0.77 7.40 -20.78
C LYS B 152 -0.67 8.32 -21.99
N ALA B 153 0.23 9.31 -21.94
CA ALA B 153 0.39 10.22 -23.07
C ALA B 153 0.85 9.51 -24.33
N TYR B 154 1.44 8.32 -24.19
CA TYR B 154 1.82 7.50 -25.33
C TYR B 154 0.90 6.30 -25.52
N GLU B 155 -0.22 6.26 -24.79
CA GLU B 155 -1.22 5.19 -24.89
C GLU B 155 -0.60 3.83 -24.61
N ILE B 156 0.26 3.76 -23.59
CA ILE B 156 0.89 2.51 -23.19
C ILE B 156 -0.12 1.71 -22.38
N ASP B 157 -0.60 0.60 -22.94
CA ASP B 157 -1.53 -0.26 -22.23
C ASP B 157 -0.77 -1.06 -21.17
N LEU B 158 -1.25 -1.01 -19.93
CA LEU B 158 -0.49 -1.55 -18.81
C LEU B 158 -1.04 -2.87 -18.28
N GLU B 159 -2.30 -3.20 -18.53
CA GLU B 159 -2.87 -4.41 -17.97
C GLU B 159 -2.20 -5.64 -18.57
N GLY B 160 -1.88 -6.61 -17.70
CA GLY B 160 -1.20 -7.81 -18.12
C GLY B 160 0.30 -7.70 -18.25
N LYS B 161 0.86 -6.49 -18.25
CA LYS B 161 2.29 -6.33 -18.41
C LYS B 161 3.05 -6.76 -17.17
N ASP B 162 4.22 -7.34 -17.39
CA ASP B 162 5.13 -7.73 -16.31
C ASP B 162 6.00 -6.53 -15.95
N ALA B 163 5.67 -5.88 -14.85
CA ALA B 163 6.38 -4.68 -14.42
C ALA B 163 7.30 -5.02 -13.24
N VAL B 164 8.50 -4.44 -13.27
CA VAL B 164 9.48 -4.60 -12.20
C VAL B 164 9.81 -3.22 -11.66
N ILE B 165 9.67 -3.04 -10.35
CA ILE B 165 9.97 -1.78 -9.68
C ILE B 165 11.24 -1.99 -8.85
N ILE B 166 12.28 -1.23 -9.17
CA ILE B 166 13.56 -1.30 -8.47
C ILE B 166 13.60 -0.14 -7.49
N GLY B 167 13.55 -0.46 -6.19
CA GLY B 167 13.41 0.54 -5.16
C GLY B 167 12.04 0.48 -4.52
N ALA B 168 11.99 0.48 -3.19
CA ALA B 168 10.75 0.32 -2.44
C ALA B 168 10.55 1.46 -1.46
N SER B 169 10.82 2.68 -1.90
CA SER B 169 10.67 3.84 -1.04
C SER B 169 9.22 4.32 -1.02
N ASN B 170 8.87 5.06 0.04
CA ASN B 170 7.55 5.67 0.10
C ASN B 170 7.40 6.79 -0.91
N ILE B 171 8.51 7.37 -1.38
CA ILE B 171 8.44 8.49 -2.30
C ILE B 171 8.10 8.02 -3.71
N VAL B 172 8.68 6.89 -4.14
CA VAL B 172 8.52 6.43 -5.50
C VAL B 172 8.01 4.99 -5.53
N GLY B 173 8.82 4.06 -5.02
CA GLY B 173 8.63 2.64 -5.27
C GLY B 173 7.28 2.07 -4.87
N ARG B 174 6.91 2.22 -3.60
CA ARG B 174 5.66 1.63 -3.12
C ARG B 174 4.42 2.20 -3.79
N PRO B 175 4.23 3.53 -3.89
CA PRO B 175 3.07 4.02 -4.64
C PRO B 175 3.13 3.71 -6.12
N MSE B 176 4.33 3.56 -6.69
CA MSE B 176 4.47 3.21 -8.11
C MSE B 176 3.92 1.81 -8.36
O MSE B 176 3.16 1.59 -9.31
CB MSE B 176 5.94 3.28 -8.53
CG MSE B 176 6.20 2.96 -9.99
SE MSE B 176 5.93 4.49 -11.17
CE MSE B 176 4.02 4.29 -11.53
N ALA B 177 4.32 0.85 -7.52
CA ALA B 177 3.84 -0.51 -7.66
C ALA B 177 2.33 -0.59 -7.45
N THR B 178 1.79 0.25 -6.58
CA THR B 178 0.35 0.23 -6.32
C THR B 178 -0.44 0.75 -7.51
N MSE B 179 0.02 1.83 -8.13
CA MSE B 179 -0.67 2.39 -9.30
C MSE B 179 -0.65 1.41 -10.47
O MSE B 179 -1.65 1.24 -11.14
CB MSE B 179 -0.05 3.73 -9.70
CG MSE B 179 -0.20 4.82 -8.67
SE MSE B 179 0.46 6.53 -9.33
CE MSE B 179 0.49 7.49 -7.64
N LEU B 180 0.52 0.80 -10.69
CA LEU B 180 0.61 -0.22 -11.74
C LEU B 180 -0.29 -1.40 -11.43
N LEU B 181 -0.34 -1.82 -10.16
CA LEU B 181 -1.24 -2.88 -9.77
C LEU B 181 -2.70 -2.47 -9.97
N ASN B 182 -3.02 -1.21 -9.65
CA ASN B 182 -4.38 -0.71 -9.90
C ASN B 182 -4.69 -0.70 -11.39
N ALA B 183 -3.68 -0.54 -12.23
CA ALA B 183 -3.88 -0.53 -13.67
C ALA B 183 -3.94 -1.92 -14.29
N GLY B 184 -3.88 -2.97 -13.47
CA GLY B 184 -3.99 -4.32 -13.97
C GLY B 184 -2.69 -5.00 -14.37
N ALA B 185 -1.56 -4.43 -14.01
CA ALA B 185 -0.27 -5.03 -14.33
C ALA B 185 0.18 -5.97 -13.22
N THR B 186 1.08 -6.88 -13.57
CA THR B 186 1.75 -7.73 -12.59
C THR B 186 3.02 -7.02 -12.13
N VAL B 187 3.15 -6.83 -10.82
CA VAL B 187 4.20 -5.98 -10.26
C VAL B 187 5.15 -6.83 -9.43
N SER B 188 6.44 -6.55 -9.59
CA SER B 188 7.50 -7.11 -8.74
C SER B 188 8.28 -5.96 -8.15
N VAL B 189 8.38 -5.93 -6.82
CA VAL B 189 9.09 -4.87 -6.11
C VAL B 189 10.42 -5.43 -5.65
N CYS B 190 11.51 -4.92 -6.23
CA CYS B 190 12.86 -5.31 -5.88
C CYS B 190 13.53 -4.18 -5.10
N HIS B 191 14.57 -4.54 -4.37
CA HIS B 191 15.29 -3.59 -3.52
C HIS B 191 16.68 -4.14 -3.25
N ILE B 192 17.36 -3.54 -2.26
CA ILE B 192 18.75 -3.89 -2.00
C ILE B 192 18.90 -5.29 -1.41
N LYS B 193 17.82 -5.87 -0.90
CA LYS B 193 17.85 -7.22 -0.36
C LYS B 193 17.45 -8.28 -1.37
N THR B 194 17.11 -7.88 -2.60
CA THR B 194 16.79 -8.85 -3.64
C THR B 194 18.04 -9.63 -4.01
N LYS B 195 17.92 -10.97 -4.07
CA LYS B 195 19.07 -11.81 -4.32
C LYS B 195 19.59 -11.64 -5.75
N ASP B 196 18.71 -11.77 -6.75
CA ASP B 196 19.10 -11.71 -8.15
C ASP B 196 18.19 -10.73 -8.87
N LEU B 197 18.64 -9.48 -9.01
CA LEU B 197 17.84 -8.46 -9.68
C LEU B 197 17.62 -8.79 -11.15
N SER B 198 18.66 -9.30 -11.81
CA SER B 198 18.55 -9.61 -13.23
C SER B 198 17.56 -10.74 -13.51
N LEU B 199 17.24 -11.56 -12.50
CA LEU B 199 16.22 -12.59 -12.69
C LEU B 199 14.86 -11.98 -12.98
N TYR B 200 14.56 -10.83 -12.40
CA TYR B 200 13.29 -10.16 -12.60
C TYR B 200 13.31 -9.24 -13.82
N THR B 201 14.39 -8.48 -14.01
CA THR B 201 14.44 -7.51 -15.09
C THR B 201 14.48 -8.17 -16.46
N ARG B 202 15.04 -9.39 -16.54
CA ARG B 202 15.12 -10.08 -17.83
C ARG B 202 13.75 -10.51 -18.35
N GLN B 203 12.75 -10.61 -17.47
CA GLN B 203 11.41 -11.01 -17.86
C GLN B 203 10.47 -9.84 -18.08
N ALA B 204 10.88 -8.62 -17.72
CA ALA B 204 9.94 -7.52 -17.56
C ALA B 204 9.58 -6.88 -18.90
N ASP B 205 8.29 -6.57 -19.04
CA ASP B 205 7.82 -5.68 -20.09
C ASP B 205 8.00 -4.22 -19.75
N LEU B 206 8.06 -3.89 -18.47
CA LEU B 206 8.17 -2.52 -17.99
C LEU B 206 9.09 -2.49 -16.78
N ILE B 207 10.08 -1.62 -16.79
CA ILE B 207 11.03 -1.48 -15.70
C ILE B 207 11.06 -0.03 -15.24
N ILE B 208 10.90 0.16 -13.94
CA ILE B 208 10.98 1.48 -13.31
C ILE B 208 12.12 1.43 -12.31
N VAL B 209 13.17 2.21 -12.58
CA VAL B 209 14.39 2.19 -11.79
C VAL B 209 14.45 3.46 -10.96
N ALA B 210 14.42 3.29 -9.64
CA ALA B 210 14.56 4.38 -8.68
C ALA B 210 15.57 4.00 -7.62
N ALA B 211 16.73 3.51 -8.05
CA ALA B 211 17.73 3.00 -7.11
C ALA B 211 18.74 4.05 -6.70
N GLY B 212 18.94 5.09 -7.50
CA GLY B 212 19.98 6.06 -7.20
C GLY B 212 21.38 5.52 -7.38
N CYS B 213 21.61 4.73 -8.43
CA CYS B 213 22.90 4.13 -8.68
C CYS B 213 23.21 4.24 -10.17
N VAL B 214 24.37 4.81 -10.50
CA VAL B 214 24.72 5.00 -11.90
C VAL B 214 24.92 3.65 -12.57
N ASN B 215 24.26 3.46 -13.71
CA ASN B 215 24.39 2.25 -14.53
C ASN B 215 24.00 0.99 -13.76
N LEU B 216 22.91 1.08 -12.98
CA LEU B 216 22.40 -0.12 -12.33
C LEU B 216 21.75 -1.06 -13.32
N LEU B 217 20.98 -0.51 -14.27
CA LEU B 217 20.30 -1.30 -15.29
C LEU B 217 21.17 -1.34 -16.53
N ARG B 218 21.52 -2.55 -16.97
CA ARG B 218 22.37 -2.77 -18.12
C ARG B 218 21.61 -3.55 -19.19
N SER B 219 22.21 -3.62 -20.39
CA SER B 219 21.59 -4.35 -21.49
C SER B 219 21.54 -5.85 -21.20
N ASP B 220 22.42 -6.35 -20.34
CA ASP B 220 22.40 -7.78 -19.99
C ASP B 220 21.09 -8.18 -19.33
N MSE B 221 20.48 -7.27 -18.58
CA MSE B 221 19.34 -7.60 -17.75
C MSE B 221 18.02 -7.20 -18.40
O MSE B 221 16.99 -7.08 -17.73
CB MSE B 221 19.48 -6.92 -16.38
CG MSE B 221 20.92 -6.70 -15.93
SE MSE B 221 21.13 -5.28 -14.59
CE MSE B 221 23.09 -5.25 -14.45
N VAL B 222 18.04 -7.00 -19.72
CA VAL B 222 16.91 -6.42 -20.44
C VAL B 222 16.57 -7.28 -21.64
N LYS B 223 15.27 -7.46 -21.89
CA LYS B 223 14.80 -8.16 -23.07
C LYS B 223 14.39 -7.16 -24.14
N GLU B 224 14.30 -7.66 -25.38
CA GLU B 224 13.94 -6.80 -26.51
C GLU B 224 12.52 -6.27 -26.34
N GLY B 225 12.35 -4.97 -26.60
CA GLY B 225 11.05 -4.35 -26.55
C GLY B 225 10.61 -3.86 -25.19
N VAL B 226 11.52 -3.87 -24.20
CA VAL B 226 11.16 -3.46 -22.85
C VAL B 226 10.86 -1.97 -22.82
N ILE B 227 10.02 -1.56 -21.86
CA ILE B 227 9.78 -0.16 -21.57
C ILE B 227 10.53 0.20 -20.29
N VAL B 228 11.39 1.21 -20.37
CA VAL B 228 12.28 1.56 -19.27
C VAL B 228 11.93 2.96 -18.80
N VAL B 229 11.65 3.09 -17.50
CA VAL B 229 11.39 4.38 -16.87
C VAL B 229 12.48 4.63 -15.85
N ASP B 230 13.22 5.72 -16.04
CA ASP B 230 14.41 6.04 -15.24
C ASP B 230 14.07 7.20 -14.30
N VAL B 231 13.94 6.89 -13.02
CA VAL B 231 13.63 7.92 -12.02
C VAL B 231 14.89 8.54 -11.43
N GLY B 232 16.05 7.89 -11.58
CA GLY B 232 17.26 8.40 -10.97
C GLY B 232 17.70 9.73 -11.57
N ILE B 233 18.27 10.56 -10.71
CA ILE B 233 18.84 11.85 -11.11
C ILE B 233 20.21 11.94 -10.43
N ASN B 234 21.24 11.46 -11.13
CA ASN B 234 22.59 11.38 -10.58
C ASN B 234 23.51 12.32 -11.35
N ARG B 235 24.35 13.04 -10.62
CA ARG B 235 25.30 13.98 -11.22
C ARG B 235 26.69 13.36 -11.23
N LEU B 236 27.20 13.11 -12.43
CA LEU B 236 28.58 12.63 -12.57
C LEU B 236 29.55 13.71 -12.16
N GLU B 237 30.72 13.29 -11.65
CA GLU B 237 31.76 14.26 -11.32
C GLU B 237 32.35 14.95 -12.54
N SER B 238 31.96 14.54 -13.75
CA SER B 238 32.29 15.27 -14.96
C SER B 238 31.25 16.33 -15.29
N GLY B 239 30.27 16.56 -14.42
CA GLY B 239 29.24 17.54 -14.62
C GLY B 239 27.97 17.01 -15.26
N LYS B 240 28.03 15.89 -15.97
CA LYS B 240 26.87 15.39 -16.68
C LYS B 240 25.84 14.82 -15.71
N ILE B 241 24.56 15.05 -16.02
CA ILE B 241 23.45 14.47 -15.27
C ILE B 241 23.03 13.18 -15.95
N VAL B 242 22.96 12.09 -15.19
CA VAL B 242 22.57 10.79 -15.70
C VAL B 242 21.62 10.14 -14.71
N GLY B 243 20.91 9.12 -15.17
CA GLY B 243 19.99 8.35 -14.36
C GLY B 243 20.59 7.05 -13.86
N ASP B 244 19.71 6.11 -13.52
CA ASP B 244 20.13 4.81 -13.03
C ASP B 244 20.28 3.78 -14.15
N VAL B 245 20.15 4.17 -15.41
CA VAL B 245 20.12 3.26 -16.54
C VAL B 245 21.29 3.55 -17.46
N ASP B 246 21.92 2.49 -17.97
CA ASP B 246 22.92 2.59 -19.04
C ASP B 246 22.17 2.93 -20.33
N PHE B 247 21.87 4.22 -20.50
CA PHE B 247 20.95 4.63 -21.55
C PHE B 247 21.47 4.29 -22.93
N GLU B 248 22.76 4.51 -23.18
CA GLU B 248 23.31 4.30 -24.53
C GLU B 248 23.11 2.87 -25.01
N GLU B 249 23.15 1.90 -24.10
CA GLU B 249 22.99 0.50 -24.49
C GLU B 249 21.57 -0.02 -24.27
N VAL B 250 20.91 0.40 -23.20
CA VAL B 250 19.57 -0.09 -22.91
C VAL B 250 18.56 0.42 -23.94
N SER B 251 18.74 1.66 -24.40
CA SER B 251 17.80 2.23 -25.36
C SER B 251 17.81 1.47 -26.69
N LYS B 252 18.89 0.75 -27.00
CA LYS B 252 18.93 -0.02 -28.23
C LYS B 252 18.01 -1.23 -28.19
N LYS B 253 17.61 -1.68 -27.00
CA LYS B 253 16.70 -2.80 -26.85
C LYS B 253 15.31 -2.39 -26.38
N SER B 254 15.08 -1.09 -26.18
CA SER B 254 13.84 -0.59 -25.61
C SER B 254 12.87 -0.16 -26.70
N SER B 255 11.58 -0.41 -26.46
CA SER B 255 10.54 0.16 -27.31
C SER B 255 10.20 1.58 -26.87
N TYR B 256 10.21 1.83 -25.57
CA TYR B 256 10.03 3.16 -25.00
C TYR B 256 11.01 3.31 -23.84
N ILE B 257 11.59 4.51 -23.70
CA ILE B 257 12.54 4.75 -22.63
C ILE B 257 12.55 6.24 -22.33
N THR B 258 12.65 6.57 -21.04
CA THR B 258 12.73 7.95 -20.58
C THR B 258 14.18 8.42 -20.60
N PRO B 259 14.50 9.53 -21.25
CA PRO B 259 15.85 10.08 -21.14
C PRO B 259 16.03 10.80 -19.80
N VAL B 260 17.28 10.97 -19.42
CA VAL B 260 17.66 11.74 -18.24
C VAL B 260 18.83 12.63 -18.63
N PRO B 261 18.69 13.97 -18.57
CA PRO B 261 17.49 14.68 -18.10
C PRO B 261 16.36 14.71 -19.15
N GLY B 262 15.22 15.28 -18.77
CA GLY B 262 14.11 15.45 -19.68
C GLY B 262 13.06 14.36 -19.65
N GLY B 263 13.03 13.53 -18.62
CA GLY B 263 12.05 12.47 -18.54
C GLY B 263 11.12 12.55 -17.34
N VAL B 264 11.42 11.75 -16.31
CA VAL B 264 10.56 11.71 -15.14
C VAL B 264 10.64 13.03 -14.36
N GLY B 265 11.83 13.63 -14.30
CA GLY B 265 12.07 14.84 -13.56
C GLY B 265 11.02 15.92 -13.72
N PRO B 266 10.82 16.41 -14.95
CA PRO B 266 9.82 17.46 -15.17
C PRO B 266 8.39 17.00 -14.89
N MSE B 267 8.10 15.71 -14.98
CA MSE B 267 6.75 15.21 -14.74
C MSE B 267 6.41 15.24 -13.26
O MSE B 267 5.25 15.43 -12.89
CB MSE B 267 6.60 13.80 -15.30
CG MSE B 267 6.66 13.72 -16.82
SE MSE B 267 5.32 14.86 -17.67
CE MSE B 267 3.73 14.09 -16.84
N THR B 268 7.43 15.04 -12.42
CA THR B 268 7.22 15.12 -10.98
C THR B 268 6.77 16.52 -10.57
N ILE B 269 7.39 17.55 -11.15
CA ILE B 269 7.02 18.92 -10.83
C ILE B 269 5.64 19.25 -11.41
N ALA B 270 5.34 18.76 -12.61
CA ALA B 270 4.06 19.06 -13.23
C ALA B 270 2.90 18.49 -12.43
N MSE B 271 3.08 17.33 -11.81
CA MSE B 271 2.02 16.73 -11.01
C MSE B 271 1.83 17.48 -9.71
O MSE B 271 0.73 17.51 -9.16
CB MSE B 271 2.31 15.25 -10.74
CG MSE B 271 2.25 14.37 -11.98
SE MSE B 271 0.56 14.52 -12.95
CE MSE B 271 1.11 15.79 -14.33
N LEU B 272 2.92 18.06 -9.20
CA LEU B 272 2.81 18.92 -8.02
C LEU B 272 1.93 20.12 -8.31
N LEU B 273 2.15 20.77 -9.45
CA LEU B 273 1.28 21.88 -9.85
C LEU B 273 -0.14 21.40 -10.11
N GLU B 274 -0.28 20.22 -10.73
CA GLU B 274 -1.60 19.68 -11.01
C GLU B 274 -2.36 19.35 -9.72
N ASN B 275 -1.67 18.72 -8.76
CA ASN B 275 -2.29 18.44 -7.48
C ASN B 275 -2.68 19.71 -6.74
N THR B 276 -1.91 20.79 -6.93
CA THR B 276 -2.22 22.05 -6.28
C THR B 276 -3.48 22.68 -6.88
N VAL B 277 -3.55 22.73 -8.22
CA VAL B 277 -4.73 23.28 -8.88
C VAL B 277 -5.96 22.42 -8.59
N LYS B 278 -5.76 21.10 -8.52
CA LYS B 278 -6.83 20.20 -8.13
C LYS B 278 -7.38 20.56 -6.75
N SER B 279 -6.47 20.84 -5.80
CA SER B 279 -6.91 21.20 -4.46
C SER B 279 -7.66 22.53 -4.46
N ALA B 280 -7.20 23.49 -5.26
CA ALA B 280 -7.87 24.78 -5.32
C ALA B 280 -9.21 24.67 -6.05
N LYS B 281 -9.29 23.81 -7.07
CA LYS B 281 -10.52 23.69 -7.84
C LYS B 281 -11.61 22.97 -7.05
N ASN B 282 -11.23 22.09 -6.12
CA ASN B 282 -12.18 21.39 -5.26
C ASN B 282 -12.64 22.24 -4.08
N ARG B 283 -12.48 23.56 -4.16
CA ARG B 283 -12.87 24.46 -3.07
C ARG B 283 -13.83 25.55 -3.52
N LEU B 284 -14.60 25.29 -4.59
CA LEU B 284 -15.56 26.26 -5.09
C LEU B 284 -16.93 26.02 -4.49
I IOD C . -7.27 -12.77 -8.74
I IOD D . -10.32 -23.55 7.71
I IOD E . -11.64 -6.65 -1.38
I IOD F . -18.99 -6.64 0.67
I IOD G . -2.14 -7.43 27.83
I IOD H . -1.87 -8.17 22.76
I IOD I . -9.45 -25.62 12.12
I IOD J . 5.15 -11.53 13.79
I IOD K . -24.30 -15.18 17.30
C1 GOL L . -10.86 -20.59 15.42
O1 GOL L . -9.50 -20.53 15.68
C2 GOL L . -11.13 -22.02 14.90
O2 GOL L . -9.95 -22.75 14.82
C3 GOL L . -11.77 -21.80 13.50
O3 GOL L . -10.87 -22.28 12.56
I IOD M . -10.12 18.63 -12.36
I IOD N . 12.85 30.30 -3.51
I IOD O . 14.25 19.02 -18.03
I IOD P . 13.28 11.27 3.41
I IOD Q . 11.09 7.28 2.11
I IOD R . 15.83 16.02 -14.81
I IOD S . 17.32 -0.39 -4.66
I IOD T . 13.84 13.12 6.72
C1 GOL U . -9.73 17.50 -0.81
O1 GOL U . -9.49 16.16 -0.55
C2 GOL U . -8.85 17.89 -2.02
O2 GOL U . -9.28 17.30 -3.20
C3 GOL U . -8.92 19.44 -2.07
O3 GOL U . -8.66 19.89 -0.77
CL CL V . 13.52 30.19 11.37
K K W . 19.38 -2.72 -5.86
#